data_2MZW
#
_entry.id   2MZW
#
loop_
_entity.id
_entity.type
_entity.pdbx_description
1 polymer 'Elongation factor G'
2 polymer Far1
3 non-polymer 'ZINC ION'
#
loop_
_entity_poly.entity_id
_entity_poly.type
_entity_poly.pdbx_seq_one_letter_code
_entity_poly.pdbx_strand_id
1 'polypeptide(L)'
;MEFPEPVIHLSVEPKSKADQDKMTQALVKLQEEDPTFHAHTDEETGQVIIGGMGELHLDILVDRMKKEFNVECNVGAPMV
SYRETFKSSAQVQGKFSRQSGGRGQYGDVHIEFTPNETGAGFEFENAIVGGVVPREYIPSVEAGLKDAMENGVLAGYPLI
DVKAKLYDGSYHDVDSSEMAFKIAASLALKEAAKKCDPVILEPMMKVTIEMPEEYMGDIMGDVTSRRGRVDGMEPRGNAQ
VVNAYVPLSEMFGYATSLRSNTQGRGTYTMYFDHYAEVPKSIAEDIIKKNKGELEHHHHHH
;
A
2 'polypeptide(L)'
;MGSSHHHHHHSSGLVPNGSHMKTMIYPHQYNYIRSVILRLKNVYKTVNDKETVKVIQSETYNDINEIFGHIDDDIEESLK
VLMNIRLSNKEIEAILNKFLEYVVPFELPSPQKLQKVFKKVKKIKIPQFEEYDLKVSSFVGWNELASNRKYIIYYDEKKQ
LKGLYGEISNQVVKGFCTICNKESNVSLFMKKSKTNSDGQYVKKGDYICRDSIHCNKQLTDINQFYNFIDKLD
;
B
#
# COMPACT_ATOMS: atom_id res chain seq x y z
N MET A 1 -13.43 -37.18 -22.91
CA MET A 1 -12.37 -36.55 -22.08
C MET A 1 -12.99 -35.66 -21.01
N GLU A 2 -12.40 -35.65 -19.84
CA GLU A 2 -12.89 -34.84 -18.73
C GLU A 2 -12.36 -33.41 -18.85
N PHE A 3 -12.92 -32.52 -18.05
CA PHE A 3 -12.50 -31.13 -18.04
C PHE A 3 -11.92 -30.77 -16.68
N PRO A 4 -10.59 -30.86 -16.54
CA PRO A 4 -9.91 -30.56 -15.27
C PRO A 4 -9.81 -29.07 -14.99
N GLU A 5 -10.89 -28.49 -14.48
CA GLU A 5 -10.92 -27.08 -14.15
C GLU A 5 -11.25 -26.89 -12.67
N PRO A 6 -10.23 -26.59 -11.86
CA PRO A 6 -10.38 -26.39 -10.42
C PRO A 6 -10.98 -25.02 -10.07
N VAL A 7 -10.17 -24.17 -9.45
CA VAL A 7 -10.63 -22.85 -9.05
C VAL A 7 -10.28 -21.77 -10.07
N ILE A 8 -11.26 -20.95 -10.39
CA ILE A 8 -11.08 -19.86 -11.34
C ILE A 8 -11.57 -18.54 -10.73
N HIS A 9 -10.77 -17.49 -10.84
CA HIS A 9 -11.13 -16.20 -10.30
C HIS A 9 -11.55 -15.23 -11.40
N LEU A 10 -12.64 -14.52 -11.17
CA LEU A 10 -13.16 -13.55 -12.12
C LEU A 10 -13.50 -12.26 -11.40
N SER A 11 -13.21 -11.14 -12.05
CA SER A 11 -13.50 -9.83 -11.47
C SER A 11 -14.84 -9.32 -11.99
N VAL A 12 -15.67 -8.80 -11.10
CA VAL A 12 -16.98 -8.27 -11.48
C VAL A 12 -17.16 -6.86 -10.93
N GLU A 13 -16.56 -5.90 -11.61
CA GLU A 13 -16.62 -4.49 -11.21
C GLU A 13 -17.96 -3.86 -11.58
N PRO A 14 -18.59 -3.14 -10.63
CA PRO A 14 -19.88 -2.48 -10.86
C PRO A 14 -19.78 -1.19 -11.69
N LYS A 15 -20.94 -0.64 -12.04
CA LYS A 15 -21.01 0.58 -12.83
C LYS A 15 -20.92 1.83 -11.96
N SER A 16 -21.87 1.98 -11.04
CA SER A 16 -21.90 3.14 -10.15
C SER A 16 -21.84 2.70 -8.69
N LYS A 17 -21.96 3.66 -7.77
CA LYS A 17 -21.91 3.36 -6.35
C LYS A 17 -23.18 2.63 -5.90
N ALA A 18 -24.27 2.84 -6.62
CA ALA A 18 -25.53 2.18 -6.29
C ALA A 18 -25.38 0.68 -6.58
N ASP A 19 -24.66 0.38 -7.66
CA ASP A 19 -24.42 -1.00 -8.05
C ASP A 19 -23.48 -1.65 -7.05
N GLN A 20 -22.58 -0.85 -6.49
CA GLN A 20 -21.62 -1.33 -5.49
C GLN A 20 -22.37 -1.86 -4.28
N ASP A 21 -23.39 -1.11 -3.84
CA ASP A 21 -24.19 -1.52 -2.69
C ASP A 21 -24.94 -2.80 -3.01
N LYS A 22 -25.47 -2.87 -4.23
CA LYS A 22 -26.21 -4.04 -4.69
C LYS A 22 -25.29 -5.26 -4.70
N MET A 23 -24.07 -5.08 -5.20
CA MET A 23 -23.08 -6.15 -5.27
C MET A 23 -22.73 -6.66 -3.87
N THR A 24 -22.45 -5.74 -2.96
CA THR A 24 -22.09 -6.10 -1.59
C THR A 24 -23.22 -6.90 -0.93
N GLN A 25 -24.45 -6.49 -1.21
CA GLN A 25 -25.63 -7.16 -0.68
C GLN A 25 -25.81 -8.52 -1.33
N ALA A 26 -25.47 -8.59 -2.62
CA ALA A 26 -25.58 -9.82 -3.38
C ALA A 26 -24.61 -10.87 -2.88
N LEU A 27 -23.38 -10.43 -2.59
CA LEU A 27 -22.34 -11.32 -2.09
C LEU A 27 -22.80 -12.04 -0.83
N VAL A 28 -23.57 -11.36 -0.02
CA VAL A 28 -24.08 -11.93 1.22
C VAL A 28 -25.06 -13.06 0.95
N LYS A 29 -26.14 -12.75 0.24
CA LYS A 29 -27.17 -13.73 -0.07
C LYS A 29 -26.65 -14.90 -0.91
N LEU A 30 -25.74 -14.60 -1.84
CA LEU A 30 -25.18 -15.62 -2.71
C LEU A 30 -24.27 -16.60 -1.95
N GLN A 31 -23.44 -16.07 -1.07
CA GLN A 31 -22.53 -16.89 -0.29
C GLN A 31 -23.28 -17.82 0.66
N GLU A 32 -24.45 -17.38 1.10
CA GLU A 32 -25.28 -18.17 1.99
C GLU A 32 -26.07 -19.20 1.19
N GLU A 33 -26.31 -18.89 -0.09
CA GLU A 33 -27.05 -19.78 -0.98
C GLU A 33 -26.15 -20.95 -1.38
N ASP A 34 -24.94 -20.62 -1.78
CA ASP A 34 -23.96 -21.63 -2.18
C ASP A 34 -22.59 -21.29 -1.60
N PRO A 35 -22.17 -21.99 -0.55
CA PRO A 35 -20.88 -21.75 0.11
C PRO A 35 -19.72 -22.47 -0.59
N THR A 36 -19.88 -22.75 -1.88
CA THR A 36 -18.86 -23.45 -2.64
C THR A 36 -17.99 -22.47 -3.44
N PHE A 37 -18.12 -21.19 -3.16
CA PHE A 37 -17.33 -20.18 -3.84
C PHE A 37 -16.83 -19.12 -2.86
N HIS A 38 -15.94 -18.25 -3.31
CA HIS A 38 -15.39 -17.20 -2.47
C HIS A 38 -15.45 -15.85 -3.17
N ALA A 39 -15.70 -14.81 -2.39
CA ALA A 39 -15.77 -13.46 -2.93
C ALA A 39 -15.03 -12.49 -2.01
N HIS A 40 -14.12 -11.71 -2.58
CA HIS A 40 -13.35 -10.75 -1.80
C HIS A 40 -13.34 -9.38 -2.45
N THR A 41 -13.25 -8.35 -1.62
CA THR A 41 -13.23 -6.98 -2.09
C THR A 41 -11.88 -6.33 -1.79
N ASP A 42 -10.84 -6.82 -2.46
CA ASP A 42 -9.49 -6.31 -2.27
C ASP A 42 -8.61 -6.58 -3.50
N GLU A 43 -7.94 -7.73 -3.52
CA GLU A 43 -7.08 -8.12 -4.64
C GLU A 43 -5.99 -7.07 -4.92
N GLU A 44 -5.42 -7.15 -6.11
CA GLU A 44 -4.39 -6.20 -6.51
C GLU A 44 -4.87 -5.38 -7.69
N THR A 45 -5.62 -6.00 -8.60
CA THR A 45 -6.12 -5.31 -9.78
C THR A 45 -7.60 -5.61 -10.02
N GLY A 46 -8.45 -5.25 -9.06
CA GLY A 46 -9.87 -5.50 -9.20
C GLY A 46 -10.65 -4.91 -8.04
N GLN A 47 -11.97 -4.95 -8.14
CA GLN A 47 -12.84 -4.43 -7.10
C GLN A 47 -13.52 -5.60 -6.39
N VAL A 48 -14.16 -6.47 -7.17
CA VAL A 48 -14.85 -7.62 -6.61
C VAL A 48 -14.35 -8.90 -7.28
N ILE A 49 -13.53 -9.65 -6.56
CA ILE A 49 -12.99 -10.90 -7.10
C ILE A 49 -13.77 -12.10 -6.58
N ILE A 50 -14.29 -12.89 -7.50
CA ILE A 50 -15.04 -14.09 -7.17
C ILE A 50 -14.31 -15.32 -7.71
N GLY A 51 -14.17 -16.33 -6.87
CA GLY A 51 -13.50 -17.55 -7.28
C GLY A 51 -14.32 -18.77 -6.94
N GLY A 52 -14.43 -19.69 -7.89
CA GLY A 52 -15.18 -20.90 -7.67
C GLY A 52 -14.66 -22.06 -8.49
N MET A 53 -15.25 -23.24 -8.29
CA MET A 53 -14.85 -24.43 -9.03
C MET A 53 -15.69 -24.60 -10.28
N GLY A 54 -15.03 -24.63 -11.43
CA GLY A 54 -15.73 -24.78 -12.69
C GLY A 54 -16.19 -23.45 -13.26
N GLU A 55 -16.08 -23.29 -14.57
CA GLU A 55 -16.47 -22.05 -15.23
C GLU A 55 -17.99 -21.91 -15.29
N LEU A 56 -18.67 -23.06 -15.32
CA LEU A 56 -20.13 -23.07 -15.37
C LEU A 56 -20.68 -22.53 -14.06
N HIS A 57 -19.99 -22.85 -12.97
CA HIS A 57 -20.38 -22.39 -11.64
C HIS A 57 -20.28 -20.87 -11.57
N LEU A 58 -19.28 -20.32 -12.24
CA LEU A 58 -19.07 -18.89 -12.30
C LEU A 58 -20.20 -18.21 -13.07
N ASP A 59 -20.62 -18.86 -14.15
CA ASP A 59 -21.69 -18.32 -14.99
C ASP A 59 -22.98 -18.20 -14.21
N ILE A 60 -23.27 -19.21 -13.40
CA ILE A 60 -24.47 -19.23 -12.57
C ILE A 60 -24.44 -18.07 -11.58
N LEU A 61 -23.25 -17.78 -11.05
CA LEU A 61 -23.09 -16.71 -10.08
C LEU A 61 -23.31 -15.33 -10.70
N VAL A 62 -22.66 -15.06 -11.84
CA VAL A 62 -22.81 -13.77 -12.50
C VAL A 62 -24.24 -13.58 -13.00
N ASP A 63 -24.90 -14.70 -13.29
CA ASP A 63 -26.28 -14.68 -13.76
C ASP A 63 -27.18 -14.11 -12.66
N ARG A 64 -26.97 -14.60 -11.44
CA ARG A 64 -27.75 -14.15 -10.29
C ARG A 64 -27.56 -12.66 -10.04
N MET A 65 -26.34 -12.18 -10.26
CA MET A 65 -26.02 -10.78 -10.06
C MET A 65 -26.89 -9.86 -10.92
N LYS A 66 -26.88 -10.07 -12.22
CA LYS A 66 -27.65 -9.23 -13.14
C LYS A 66 -29.13 -9.60 -13.19
N LYS A 67 -29.45 -10.88 -13.03
CA LYS A 67 -30.84 -11.32 -13.11
C LYS A 67 -31.64 -11.16 -11.82
N GLU A 68 -31.01 -11.42 -10.69
CA GLU A 68 -31.70 -11.33 -9.41
C GLU A 68 -31.44 -10.01 -8.67
N PHE A 69 -30.22 -9.50 -8.77
CA PHE A 69 -29.87 -8.26 -8.08
C PHE A 69 -29.83 -7.06 -9.01
N ASN A 70 -30.07 -7.32 -10.30
CA ASN A 70 -30.09 -6.27 -11.34
C ASN A 70 -28.93 -5.28 -11.23
N VAL A 71 -27.76 -5.78 -10.83
CA VAL A 71 -26.59 -4.93 -10.68
C VAL A 71 -25.82 -4.85 -11.99
N GLU A 72 -25.50 -3.65 -12.42
CA GLU A 72 -24.76 -3.46 -13.65
C GLU A 72 -23.27 -3.54 -13.37
N CYS A 73 -22.63 -4.53 -13.97
CA CYS A 73 -21.21 -4.75 -13.79
C CYS A 73 -20.57 -5.31 -15.05
N ASN A 74 -19.25 -5.26 -15.11
CA ASN A 74 -18.51 -5.77 -16.25
C ASN A 74 -17.52 -6.84 -15.80
N VAL A 75 -17.71 -8.05 -16.29
CA VAL A 75 -16.84 -9.15 -15.93
C VAL A 75 -15.46 -9.05 -16.59
N GLY A 76 -14.42 -9.01 -15.76
CA GLY A 76 -13.07 -8.92 -16.26
C GLY A 76 -12.59 -7.49 -16.38
N ALA A 77 -12.61 -6.76 -15.27
CA ALA A 77 -12.19 -5.36 -15.26
C ALA A 77 -11.27 -5.08 -14.07
N PRO A 78 -10.42 -4.04 -14.18
CA PRO A 78 -9.50 -3.63 -13.12
C PRO A 78 -10.04 -2.42 -12.36
N MET A 79 -9.72 -2.34 -11.06
CA MET A 79 -10.18 -1.23 -10.23
C MET A 79 -9.43 -1.20 -8.89
N VAL A 80 -9.56 -0.11 -8.15
CA VAL A 80 -8.91 0.05 -6.85
C VAL A 80 -9.78 0.89 -5.92
N SER A 81 -9.48 0.86 -4.63
CA SER A 81 -10.24 1.62 -3.62
C SER A 81 -9.35 1.96 -2.42
N TYR A 82 -9.50 3.17 -1.87
CA TYR A 82 -8.70 3.64 -0.73
C TYR A 82 -9.56 4.46 0.23
N ARG A 83 -8.88 5.20 1.14
CA ARG A 83 -9.51 6.07 2.16
C ARG A 83 -8.53 6.34 3.31
N GLU A 84 -8.08 7.60 3.43
CA GLU A 84 -7.12 7.98 4.46
C GLU A 84 -7.75 8.89 5.53
N THR A 85 -7.15 8.91 6.73
CA THR A 85 -7.68 9.74 7.84
C THR A 85 -6.66 9.91 8.99
N PHE A 86 -6.33 11.18 9.33
CA PHE A 86 -5.42 11.54 10.45
C PHE A 86 -4.95 12.99 10.32
N LYS A 87 -4.65 13.63 11.47
CA LYS A 87 -4.19 15.02 11.51
C LYS A 87 -4.03 15.50 12.96
N SER A 88 -3.08 16.42 13.18
CA SER A 88 -2.82 17.02 14.50
C SER A 88 -2.20 16.07 15.52
N SER A 89 -1.89 16.63 16.69
CA SER A 89 -1.31 15.89 17.79
C SER A 89 -1.77 16.54 19.09
N ALA A 90 -1.89 15.75 20.16
CA ALA A 90 -2.35 16.28 21.46
C ALA A 90 -2.42 15.18 22.50
N GLN A 91 -2.78 15.57 23.72
CA GLN A 91 -2.93 14.64 24.83
C GLN A 91 -4.41 14.48 25.15
N VAL A 92 -4.91 13.26 25.03
CA VAL A 92 -6.32 12.98 25.28
C VAL A 92 -6.52 12.32 26.64
N GLN A 93 -7.59 12.71 27.32
CA GLN A 93 -7.93 12.14 28.61
C GLN A 93 -9.04 11.12 28.42
N GLY A 94 -8.96 10.01 29.11
CA GLY A 94 -9.99 8.99 28.98
C GLY A 94 -10.44 8.48 30.33
N LYS A 95 -11.67 8.80 30.70
CA LYS A 95 -12.22 8.37 31.97
C LYS A 95 -13.61 7.80 31.77
N PHE A 96 -13.86 6.65 32.37
CA PHE A 96 -15.16 6.01 32.26
C PHE A 96 -15.54 5.38 33.58
N SER A 97 -16.67 5.80 34.12
CA SER A 97 -17.15 5.28 35.39
C SER A 97 -18.65 5.06 35.30
N ARG A 98 -19.10 3.85 35.54
CA ARG A 98 -20.51 3.54 35.49
C ARG A 98 -20.84 2.30 36.31
N GLN A 99 -22.13 2.11 36.57
CA GLN A 99 -22.62 0.96 37.32
C GLN A 99 -24.05 0.68 36.87
N SER A 100 -24.18 0.08 35.70
CA SER A 100 -25.49 -0.21 35.14
C SER A 100 -25.70 -1.71 34.92
N GLY A 101 -25.31 -2.52 35.90
CA GLY A 101 -25.48 -3.95 35.78
C GLY A 101 -25.04 -4.71 37.00
N GLY A 102 -25.32 -4.15 38.18
CA GLY A 102 -24.94 -4.79 39.42
C GLY A 102 -23.49 -4.53 39.79
N ARG A 103 -22.61 -4.72 38.81
CA ARG A 103 -21.20 -4.52 39.01
C ARG A 103 -20.78 -3.15 38.52
N GLY A 104 -19.66 -2.67 39.02
CA GLY A 104 -19.15 -1.38 38.62
C GLY A 104 -17.97 -1.53 37.69
N GLN A 105 -17.73 -0.50 36.89
CA GLN A 105 -16.63 -0.53 35.95
C GLN A 105 -15.97 0.85 35.88
N TYR A 106 -14.64 0.86 35.84
CA TYR A 106 -13.91 2.11 35.78
C TYR A 106 -12.66 2.01 34.91
N GLY A 107 -12.43 3.04 34.10
CA GLY A 107 -11.28 3.07 33.24
C GLY A 107 -10.72 4.48 33.16
N ASP A 108 -9.44 4.62 33.48
CA ASP A 108 -8.78 5.92 33.45
C ASP A 108 -7.47 5.81 32.69
N VAL A 109 -7.31 6.60 31.64
CA VAL A 109 -6.10 6.55 30.83
C VAL A 109 -5.70 7.93 30.32
N HIS A 110 -4.42 8.09 30.04
CA HIS A 110 -3.88 9.35 29.53
C HIS A 110 -2.92 9.02 28.38
N ILE A 111 -3.34 9.34 27.15
CA ILE A 111 -2.55 9.02 25.97
C ILE A 111 -2.24 10.24 25.12
N GLU A 112 -1.08 10.22 24.49
CA GLU A 112 -0.65 11.29 23.59
C GLU A 112 -0.58 10.70 22.19
N PHE A 113 -1.07 11.43 21.20
CA PHE A 113 -1.06 10.91 19.82
C PHE A 113 -0.36 11.88 18.86
N THR A 114 0.29 11.31 17.86
CA THR A 114 1.01 12.09 16.85
C THR A 114 0.81 11.47 15.46
N PRO A 115 0.84 12.30 14.39
CA PRO A 115 0.66 11.83 13.01
C PRO A 115 1.91 11.14 12.45
N ASN A 116 1.72 10.28 11.45
CA ASN A 116 2.81 9.55 10.81
C ASN A 116 2.35 9.03 9.45
N GLU A 117 1.70 9.88 8.68
CA GLU A 117 1.17 9.52 7.35
C GLU A 117 2.26 9.48 6.28
N THR A 118 3.49 9.76 6.68
CA THR A 118 4.61 9.76 5.73
C THR A 118 5.00 8.33 5.35
N GLY A 119 4.51 7.87 4.19
CA GLY A 119 4.77 6.52 3.73
C GLY A 119 4.00 5.47 4.53
N ALA A 120 3.13 5.98 5.44
CA ALA A 120 2.27 5.19 6.34
C ALA A 120 2.81 5.13 7.78
N GLY A 121 1.95 4.75 8.73
CA GLY A 121 2.36 4.68 10.13
C GLY A 121 2.03 3.37 10.83
N PHE A 122 1.15 3.45 11.85
CA PHE A 122 0.71 2.27 12.65
C PHE A 122 1.66 2.00 13.83
N GLU A 123 1.41 2.64 14.97
CA GLU A 123 2.24 2.44 16.16
C GLU A 123 1.58 2.94 17.45
N PHE A 124 1.70 2.13 18.49
CA PHE A 124 1.18 2.46 19.81
C PHE A 124 2.28 2.20 20.84
N GLU A 125 2.94 3.27 21.27
CA GLU A 125 4.04 3.16 22.21
C GLU A 125 3.59 3.03 23.67
N ASN A 126 4.44 2.40 24.47
CA ASN A 126 4.19 2.20 25.89
C ASN A 126 5.31 2.83 26.71
N ALA A 127 4.95 3.46 27.83
CA ALA A 127 5.94 4.12 28.68
C ALA A 127 6.29 3.29 29.92
N ILE A 128 5.78 2.06 29.97
CA ILE A 128 6.05 1.14 31.09
C ILE A 128 5.62 1.76 32.43
N VAL A 129 4.51 2.48 32.43
CA VAL A 129 4.01 3.14 33.63
C VAL A 129 2.51 3.43 33.48
N GLY A 130 1.83 3.68 34.58
CA GLY A 130 0.41 3.98 34.54
C GLY A 130 -0.44 2.80 34.94
N GLY A 131 -0.78 1.97 33.97
CA GLY A 131 -1.59 0.79 34.25
C GLY A 131 -0.77 -0.47 34.17
N VAL A 132 0.55 -0.31 34.18
CA VAL A 132 1.46 -1.44 34.10
C VAL A 132 2.61 -1.29 35.09
N VAL A 133 3.08 -2.41 35.61
CA VAL A 133 4.18 -2.44 36.57
C VAL A 133 5.27 -3.41 36.09
N PRO A 134 4.95 -4.72 35.93
CA PRO A 134 5.91 -5.72 35.47
C PRO A 134 6.36 -5.45 34.03
N ARG A 135 7.57 -5.88 33.70
CA ARG A 135 8.12 -5.67 32.36
C ARG A 135 7.31 -6.37 31.28
N GLU A 136 6.96 -7.63 31.50
CA GLU A 136 6.19 -8.40 30.52
C GLU A 136 4.70 -8.07 30.54
N TYR A 137 4.33 -7.02 31.25
CA TYR A 137 2.92 -6.62 31.33
C TYR A 137 2.64 -5.42 30.43
N ILE A 138 3.67 -4.91 29.78
CA ILE A 138 3.52 -3.75 28.90
C ILE A 138 2.85 -4.05 27.54
N PRO A 139 3.21 -5.17 26.84
CA PRO A 139 2.61 -5.47 25.54
C PRO A 139 1.12 -5.81 25.63
N SER A 140 0.69 -6.17 26.83
CA SER A 140 -0.70 -6.53 27.07
C SER A 140 -1.61 -5.31 26.87
N VAL A 141 -1.45 -4.31 27.71
CA VAL A 141 -2.26 -3.09 27.64
C VAL A 141 -2.11 -2.36 26.29
N GLU A 142 -0.89 -2.33 25.75
CA GLU A 142 -0.67 -1.64 24.47
C GLU A 142 -1.50 -2.28 23.35
N ALA A 143 -1.49 -3.60 23.29
CA ALA A 143 -2.26 -4.32 22.28
C ALA A 143 -3.75 -4.17 22.52
N GLY A 144 -4.14 -4.14 23.80
CA GLY A 144 -5.54 -4.01 24.16
C GLY A 144 -6.11 -2.67 23.72
N LEU A 145 -5.30 -1.62 23.82
CA LEU A 145 -5.72 -0.29 23.43
C LEU A 145 -6.01 -0.21 21.93
N LYS A 146 -5.26 -0.98 21.15
CA LYS A 146 -5.45 -0.99 19.70
C LYS A 146 -6.68 -1.81 19.32
N ASP A 147 -7.02 -2.81 20.15
CA ASP A 147 -8.18 -3.66 19.88
C ASP A 147 -9.45 -2.83 19.81
N ALA A 148 -9.60 -1.94 20.79
CA ALA A 148 -10.75 -1.06 20.84
C ALA A 148 -10.67 -0.05 19.70
N MET A 149 -9.48 0.50 19.51
CA MET A 149 -9.22 1.48 18.44
C MET A 149 -9.74 1.01 17.08
N GLU A 150 -9.37 -0.21 16.68
CA GLU A 150 -9.80 -0.75 15.38
C GLU A 150 -11.30 -0.98 15.31
N ASN A 151 -11.97 -0.86 16.45
CA ASN A 151 -13.41 -1.05 16.52
C ASN A 151 -14.14 0.27 16.35
N GLY A 152 -13.39 1.36 16.38
CA GLY A 152 -13.98 2.69 16.23
C GLY A 152 -13.41 3.44 15.05
N VAL A 153 -12.17 3.13 14.70
CA VAL A 153 -11.51 3.78 13.58
C VAL A 153 -11.13 2.76 12.51
N LEU A 154 -10.62 3.24 11.38
CA LEU A 154 -10.23 2.38 10.29
C LEU A 154 -8.71 2.22 10.26
N ALA A 155 -8.26 0.99 10.04
CA ALA A 155 -6.84 0.69 9.99
C ALA A 155 -6.53 -0.19 8.79
N GLY A 156 -5.35 -0.02 8.23
CA GLY A 156 -4.95 -0.81 7.08
C GLY A 156 -5.29 -0.13 5.77
N TYR A 157 -4.75 1.06 5.55
CA TYR A 157 -4.98 1.82 4.34
C TYR A 157 -3.68 2.51 3.90
N PRO A 158 -3.64 3.04 2.65
CA PRO A 158 -2.47 3.72 2.09
C PRO A 158 -1.64 4.54 3.07
N LEU A 159 -2.09 5.75 3.37
CA LEU A 159 -1.36 6.62 4.29
C LEU A 159 -2.17 6.89 5.54
N ILE A 160 -2.29 5.90 6.42
CA ILE A 160 -3.05 6.05 7.65
C ILE A 160 -2.38 5.40 8.85
N ASP A 161 -3.16 5.24 9.91
CA ASP A 161 -2.73 4.63 11.18
C ASP A 161 -2.04 5.61 12.10
N VAL A 162 -2.57 5.72 13.30
CA VAL A 162 -2.08 6.65 14.30
C VAL A 162 -0.86 6.14 15.06
N LYS A 163 -0.12 7.09 15.63
CA LYS A 163 1.05 6.78 16.44
C LYS A 163 0.81 7.40 17.82
N ALA A 164 0.43 6.58 18.78
CA ALA A 164 0.12 7.04 20.11
C ALA A 164 1.16 6.59 21.13
N LYS A 165 1.13 7.19 22.31
CA LYS A 165 2.05 6.87 23.38
C LYS A 165 1.31 6.79 24.71
N LEU A 166 1.24 5.60 25.29
CA LEU A 166 0.57 5.41 26.57
C LEU A 166 1.55 5.81 27.67
N TYR A 167 1.32 6.95 28.31
CA TYR A 167 2.23 7.43 29.34
C TYR A 167 1.63 7.42 30.76
N ASP A 168 0.32 7.30 30.87
CA ASP A 168 -0.32 7.29 32.19
C ASP A 168 -1.68 6.62 32.17
N GLY A 169 -2.14 6.21 33.33
CA GLY A 169 -3.42 5.55 33.47
C GLY A 169 -3.70 5.16 34.90
N SER A 170 -4.96 4.90 35.21
CA SER A 170 -5.37 4.50 36.55
C SER A 170 -6.47 3.46 36.47
N TYR A 171 -6.26 2.31 37.09
CA TYR A 171 -7.27 1.24 37.05
C TYR A 171 -7.61 0.72 38.44
N HIS A 172 -6.59 0.57 39.27
CA HIS A 172 -6.76 0.07 40.64
C HIS A 172 -7.28 -1.37 40.63
N ASP A 173 -8.59 -1.53 40.70
CA ASP A 173 -9.20 -2.86 40.70
C ASP A 173 -10.71 -2.74 40.46
N VAL A 174 -11.12 -3.03 39.23
CA VAL A 174 -12.53 -2.95 38.86
C VAL A 174 -12.87 -4.08 37.89
N ASP A 175 -14.11 -4.08 37.40
CA ASP A 175 -14.56 -5.09 36.47
C ASP A 175 -14.34 -4.63 35.04
N SER A 176 -13.92 -5.53 34.17
CA SER A 176 -13.67 -5.19 32.78
C SER A 176 -14.73 -5.78 31.85
N SER A 177 -15.55 -4.91 31.30
CA SER A 177 -16.60 -5.32 30.37
C SER A 177 -16.30 -4.77 28.98
N GLU A 178 -16.36 -5.63 27.99
CA GLU A 178 -16.07 -5.26 26.60
C GLU A 178 -16.93 -4.10 26.10
N MET A 179 -18.25 -4.25 26.21
CA MET A 179 -19.17 -3.22 25.76
C MET A 179 -18.89 -1.88 26.44
N ALA A 180 -18.53 -1.95 27.72
CA ALA A 180 -18.24 -0.75 28.50
C ALA A 180 -16.94 -0.09 28.03
N PHE A 181 -15.98 -0.93 27.62
CA PHE A 181 -14.70 -0.43 27.15
C PHE A 181 -14.82 0.10 25.72
N LYS A 182 -15.62 -0.57 24.92
CA LYS A 182 -15.84 -0.16 23.53
C LYS A 182 -16.60 1.17 23.46
N ILE A 183 -17.60 1.32 24.31
CA ILE A 183 -18.38 2.54 24.33
C ILE A 183 -17.54 3.70 24.89
N ALA A 184 -16.60 3.37 25.78
CA ALA A 184 -15.73 4.36 26.38
C ALA A 184 -14.80 4.94 25.33
N ALA A 185 -14.30 4.07 24.45
CA ALA A 185 -13.40 4.48 23.38
C ALA A 185 -14.09 5.49 22.48
N SER A 186 -15.37 5.25 22.20
CA SER A 186 -16.16 6.14 21.36
C SER A 186 -16.34 7.50 22.03
N LEU A 187 -16.50 7.51 23.34
CA LEU A 187 -16.67 8.74 24.09
C LEU A 187 -15.42 9.59 24.05
N ALA A 188 -14.27 8.95 24.29
CA ALA A 188 -12.98 9.63 24.28
C ALA A 188 -12.68 10.18 22.89
N LEU A 189 -13.05 9.41 21.86
CA LEU A 189 -12.83 9.82 20.48
C LEU A 189 -13.62 11.08 20.16
N LYS A 190 -14.78 11.22 20.77
CA LYS A 190 -15.64 12.37 20.56
C LYS A 190 -15.04 13.60 21.22
N GLU A 191 -14.51 13.41 22.43
CA GLU A 191 -13.89 14.49 23.19
C GLU A 191 -12.65 15.02 22.48
N ALA A 192 -11.91 14.11 21.84
CA ALA A 192 -10.69 14.47 21.12
C ALA A 192 -11.00 15.18 19.81
N ALA A 193 -12.13 14.87 19.22
CA ALA A 193 -12.52 15.46 17.94
C ALA A 193 -12.60 16.99 18.01
N LYS A 194 -13.32 17.49 19.01
CA LYS A 194 -13.49 18.93 19.19
C LYS A 194 -12.22 19.62 19.68
N LYS A 195 -11.24 18.83 20.09
CA LYS A 195 -9.99 19.38 20.60
C LYS A 195 -8.85 19.33 19.58
N CYS A 196 -8.67 18.17 18.96
CA CYS A 196 -7.58 17.98 18.01
C CYS A 196 -7.89 18.47 16.59
N ASP A 197 -9.17 18.62 16.27
CA ASP A 197 -9.56 19.07 14.92
C ASP A 197 -9.22 18.02 13.87
N PRO A 198 -10.17 17.12 13.55
CA PRO A 198 -9.95 16.06 12.59
C PRO A 198 -10.30 16.45 11.15
N VAL A 199 -9.28 16.77 10.38
CA VAL A 199 -9.45 17.16 8.98
C VAL A 199 -8.33 16.57 8.13
N ILE A 200 -8.11 17.17 6.94
CA ILE A 200 -7.08 16.73 6.01
C ILE A 200 -7.45 15.41 5.32
N LEU A 201 -7.47 14.32 6.09
CA LEU A 201 -7.80 12.99 5.55
C LEU A 201 -6.81 12.58 4.46
N GLU A 202 -7.31 12.34 3.25
CA GLU A 202 -6.43 11.97 2.15
C GLU A 202 -5.61 13.18 1.69
N PRO A 203 -4.28 13.02 1.63
CA PRO A 203 -3.38 14.11 1.24
C PRO A 203 -3.39 14.43 -0.26
N MET A 204 -2.43 15.26 -0.66
CA MET A 204 -2.30 15.65 -2.06
C MET A 204 -1.69 14.52 -2.87
N MET A 205 -2.38 14.10 -3.92
CA MET A 205 -1.93 13.02 -4.76
C MET A 205 -1.56 13.54 -6.15
N LYS A 206 -0.30 13.38 -6.53
CA LYS A 206 0.15 13.83 -7.83
C LYS A 206 -0.38 12.92 -8.92
N VAL A 207 -0.80 13.50 -10.02
CA VAL A 207 -1.34 12.74 -11.13
C VAL A 207 -0.73 13.18 -12.45
N THR A 208 -0.04 12.26 -13.12
CA THR A 208 0.57 12.55 -14.40
C THR A 208 -0.46 12.38 -15.51
N ILE A 209 -0.86 13.49 -16.12
CA ILE A 209 -1.85 13.47 -17.18
C ILE A 209 -1.22 13.17 -18.53
N GLU A 210 -1.81 12.25 -19.28
CA GLU A 210 -1.31 11.90 -20.60
C GLU A 210 -2.47 11.80 -21.58
N MET A 211 -2.42 12.61 -22.63
CA MET A 211 -3.45 12.63 -23.67
C MET A 211 -3.03 13.52 -24.82
N PRO A 212 -3.53 13.24 -26.04
CA PRO A 212 -3.21 14.03 -27.24
C PRO A 212 -3.49 15.52 -27.07
N GLU A 213 -2.61 16.34 -27.62
CA GLU A 213 -2.70 17.78 -27.54
C GLU A 213 -3.63 18.35 -28.61
N GLU A 214 -3.39 19.61 -28.97
CA GLU A 214 -4.16 20.35 -29.97
C GLU A 214 -5.46 20.84 -29.34
N TYR A 215 -5.64 20.51 -28.07
CA TYR A 215 -6.81 20.91 -27.31
C TYR A 215 -6.37 21.48 -25.97
N MET A 216 -5.19 22.08 -25.94
CA MET A 216 -4.62 22.66 -24.71
C MET A 216 -5.60 23.53 -23.92
N GLY A 217 -6.39 24.34 -24.62
CA GLY A 217 -7.34 25.20 -23.96
C GLY A 217 -8.53 24.43 -23.42
N ASP A 218 -8.84 23.31 -24.05
CA ASP A 218 -9.96 22.48 -23.64
C ASP A 218 -9.54 21.50 -22.55
N ILE A 219 -8.41 20.82 -22.79
CA ILE A 219 -7.89 19.83 -21.86
C ILE A 219 -7.56 20.45 -20.49
N MET A 220 -6.78 21.52 -20.50
CA MET A 220 -6.39 22.19 -19.26
C MET A 220 -7.62 22.67 -18.48
N GLY A 221 -8.61 23.17 -19.21
CA GLY A 221 -9.82 23.65 -18.58
C GLY A 221 -10.58 22.55 -17.87
N ASP A 222 -10.58 21.36 -18.46
CA ASP A 222 -11.26 20.21 -17.88
C ASP A 222 -10.53 19.75 -16.62
N VAL A 223 -9.20 19.93 -16.61
CA VAL A 223 -8.37 19.56 -15.47
C VAL A 223 -8.60 20.51 -14.29
N THR A 224 -8.64 21.81 -14.56
CA THR A 224 -8.88 22.79 -13.51
C THR A 224 -10.27 22.64 -12.92
N SER A 225 -11.19 22.15 -13.74
CA SER A 225 -12.57 21.93 -13.31
C SER A 225 -12.68 20.71 -12.40
N ARG A 226 -11.53 20.09 -12.12
CA ARG A 226 -11.48 18.92 -11.24
C ARG A 226 -10.59 19.23 -10.04
N ARG A 227 -10.30 20.52 -9.84
CA ARG A 227 -9.45 20.99 -8.75
C ARG A 227 -8.00 20.54 -8.93
N GLY A 228 -7.60 20.34 -10.19
CA GLY A 228 -6.26 19.90 -10.47
C GLY A 228 -5.26 21.03 -10.50
N ARG A 229 -4.11 20.79 -9.90
CA ARG A 229 -3.04 21.78 -9.89
C ARG A 229 -1.90 21.29 -10.80
N VAL A 230 -1.68 22.02 -11.88
CA VAL A 230 -0.67 21.64 -12.85
C VAL A 230 0.74 22.12 -12.45
N ASP A 231 1.73 21.23 -12.58
CA ASP A 231 3.11 21.58 -12.24
C ASP A 231 3.96 21.60 -13.50
N GLY A 232 3.81 20.56 -14.31
CA GLY A 232 4.54 20.45 -15.56
C GLY A 232 3.60 20.41 -16.73
N MET A 233 4.14 20.44 -17.94
CA MET A 233 3.32 20.45 -19.16
C MET A 233 4.22 20.42 -20.40
N GLU A 234 4.76 19.24 -20.69
CA GLU A 234 5.64 19.09 -21.84
C GLU A 234 5.04 18.15 -22.87
N PRO A 235 4.95 18.60 -24.13
CA PRO A 235 4.38 17.81 -25.22
C PRO A 235 5.38 16.82 -25.83
N ARG A 236 4.85 15.82 -26.51
CA ARG A 236 5.67 14.81 -27.16
C ARG A 236 5.01 14.35 -28.44
N GLY A 237 5.31 15.03 -29.53
CA GLY A 237 4.72 14.70 -30.81
C GLY A 237 3.28 15.18 -30.90
N ASN A 238 2.34 14.29 -30.63
CA ASN A 238 0.93 14.65 -30.67
C ASN A 238 0.34 14.71 -29.27
N ALA A 239 0.84 13.89 -28.37
CA ALA A 239 0.34 13.87 -27.00
C ALA A 239 1.17 14.79 -26.11
N GLN A 240 0.80 14.88 -24.83
CA GLN A 240 1.50 15.75 -23.90
C GLN A 240 1.38 15.25 -22.45
N VAL A 241 2.50 15.20 -21.76
CA VAL A 241 2.51 14.77 -20.37
C VAL A 241 2.34 15.98 -19.45
N VAL A 242 1.17 16.12 -18.90
CA VAL A 242 0.86 17.21 -18.01
C VAL A 242 1.03 16.75 -16.56
N ASN A 243 2.23 16.94 -16.04
CA ASN A 243 2.52 16.54 -14.67
C ASN A 243 1.75 17.41 -13.70
N ALA A 244 0.73 16.85 -13.09
CA ALA A 244 -0.09 17.59 -12.17
C ALA A 244 -0.23 16.86 -10.84
N TYR A 245 -1.24 17.27 -10.09
CA TYR A 245 -1.54 16.71 -8.77
C TYR A 245 -2.89 17.21 -8.28
N VAL A 246 -3.66 16.31 -7.72
CA VAL A 246 -4.97 16.62 -7.19
C VAL A 246 -5.08 15.99 -5.80
N PRO A 247 -5.47 16.77 -4.79
CA PRO A 247 -5.61 16.25 -3.42
C PRO A 247 -6.80 15.30 -3.32
N LEU A 248 -6.60 14.08 -3.79
CA LEU A 248 -7.63 13.04 -3.76
C LEU A 248 -7.08 11.74 -4.35
N SER A 249 -7.02 10.71 -3.54
CA SER A 249 -6.54 9.40 -3.98
C SER A 249 -7.68 8.64 -4.64
N GLU A 250 -7.34 7.56 -5.37
CA GLU A 250 -8.34 6.72 -6.03
C GLU A 250 -8.90 7.38 -7.29
N MET A 251 -10.13 7.02 -7.63
CA MET A 251 -10.78 7.55 -8.82
C MET A 251 -12.29 7.63 -8.63
N PHE A 252 -12.73 8.55 -7.77
CA PHE A 252 -14.16 8.72 -7.50
C PHE A 252 -14.87 9.40 -8.67
N GLY A 253 -15.04 8.65 -9.76
CA GLY A 253 -15.70 9.18 -10.93
C GLY A 253 -14.74 9.91 -11.86
N TYR A 254 -13.51 10.07 -11.38
CA TYR A 254 -12.47 10.76 -12.15
C TYR A 254 -12.20 10.05 -13.48
N ALA A 255 -12.11 8.73 -13.42
CA ALA A 255 -11.83 7.94 -14.61
C ALA A 255 -13.01 7.94 -15.58
N THR A 256 -14.22 7.87 -15.04
CA THR A 256 -15.43 7.86 -15.85
C THR A 256 -15.55 9.11 -16.72
N SER A 257 -15.40 10.27 -16.10
CA SER A 257 -15.49 11.53 -16.83
C SER A 257 -14.32 11.70 -17.80
N LEU A 258 -13.12 11.36 -17.35
CA LEU A 258 -11.93 11.47 -18.17
C LEU A 258 -12.02 10.57 -19.40
N ARG A 259 -12.50 9.35 -19.19
CA ARG A 259 -12.65 8.39 -20.27
C ARG A 259 -13.55 8.94 -21.36
N SER A 260 -14.67 9.53 -20.95
CA SER A 260 -15.62 10.10 -21.89
C SER A 260 -15.05 11.34 -22.58
N ASN A 261 -14.41 12.20 -21.79
CA ASN A 261 -13.82 13.44 -22.30
C ASN A 261 -12.72 13.20 -23.34
N THR A 262 -11.93 12.16 -23.13
CA THR A 262 -10.83 11.86 -24.05
C THR A 262 -11.20 10.74 -25.03
N GLN A 263 -12.45 10.28 -24.95
CA GLN A 263 -12.95 9.21 -25.82
C GLN A 263 -12.25 7.87 -25.54
N GLY A 264 -11.57 7.77 -24.40
CA GLY A 264 -10.89 6.55 -24.06
C GLY A 264 -9.44 6.60 -24.46
N ARG A 265 -8.89 7.81 -24.49
CA ARG A 265 -7.51 8.03 -24.89
C ARG A 265 -6.83 8.92 -23.86
N GLY A 266 -7.21 8.75 -22.61
CA GLY A 266 -6.64 9.52 -21.53
C GLY A 266 -6.37 8.64 -20.33
N THR A 267 -5.18 8.74 -19.78
CA THR A 267 -4.81 7.94 -18.63
C THR A 267 -4.04 8.78 -17.62
N TYR A 268 -3.78 8.22 -16.45
CA TYR A 268 -3.06 8.92 -15.41
C TYR A 268 -2.55 7.96 -14.35
N THR A 269 -1.69 8.46 -13.48
CA THR A 269 -1.14 7.65 -12.40
C THR A 269 -1.08 8.49 -11.13
N MET A 270 -1.67 7.98 -10.05
CA MET A 270 -1.70 8.70 -8.78
C MET A 270 -0.52 8.30 -7.89
N TYR A 271 -0.02 9.26 -7.13
CA TYR A 271 1.11 9.02 -6.23
C TYR A 271 1.09 10.05 -5.09
N PHE A 272 1.56 9.65 -3.92
CA PHE A 272 1.60 10.54 -2.76
C PHE A 272 2.54 11.72 -3.03
N ASP A 273 2.03 12.93 -2.80
CA ASP A 273 2.83 14.13 -3.04
C ASP A 273 3.16 14.89 -1.77
N HIS A 274 2.17 15.57 -1.20
CA HIS A 274 2.39 16.35 0.01
C HIS A 274 1.23 16.24 1.00
N TYR A 275 1.46 16.71 2.22
CA TYR A 275 0.46 16.67 3.27
C TYR A 275 -0.58 17.77 3.07
N ALA A 276 -1.65 17.43 2.37
CA ALA A 276 -2.71 18.38 2.08
C ALA A 276 -4.06 17.74 2.40
N GLU A 277 -5.13 18.46 2.13
CA GLU A 277 -6.48 17.96 2.42
C GLU A 277 -7.27 17.71 1.14
N VAL A 278 -8.12 16.68 1.17
CA VAL A 278 -8.96 16.32 0.03
C VAL A 278 -10.08 17.34 -0.15
N PRO A 279 -10.91 17.20 -1.22
CA PRO A 279 -12.03 18.12 -1.46
C PRO A 279 -12.92 18.19 -0.22
N LYS A 280 -13.18 19.40 0.24
CA LYS A 280 -13.98 19.62 1.43
C LYS A 280 -15.31 18.87 1.38
N SER A 281 -15.92 18.83 0.20
CA SER A 281 -17.20 18.16 0.01
C SER A 281 -17.10 16.65 0.22
N ILE A 282 -16.05 16.03 -0.31
CA ILE A 282 -15.86 14.59 -0.17
C ILE A 282 -15.35 14.25 1.24
N ALA A 283 -14.49 15.10 1.77
CA ALA A 283 -13.93 14.92 3.09
C ALA A 283 -15.03 14.92 4.15
N GLU A 284 -15.95 15.86 4.03
CA GLU A 284 -17.04 15.97 4.98
C GLU A 284 -18.08 14.89 4.75
N ASP A 285 -18.03 14.27 3.58
CA ASP A 285 -18.97 13.20 3.24
C ASP A 285 -18.60 11.93 3.98
N ILE A 286 -17.33 11.54 3.89
CA ILE A 286 -16.86 10.34 4.54
C ILE A 286 -16.85 10.49 6.06
N ILE A 287 -16.53 11.69 6.55
CA ILE A 287 -16.50 11.94 7.99
C ILE A 287 -17.93 11.87 8.57
N LYS A 288 -18.91 12.14 7.72
CA LYS A 288 -20.31 12.10 8.14
C LYS A 288 -20.81 10.66 8.12
N LYS A 289 -20.40 9.92 7.10
CA LYS A 289 -20.79 8.52 6.95
C LYS A 289 -20.19 7.70 8.10
N ASN A 290 -18.97 8.05 8.47
CA ASN A 290 -18.26 7.37 9.54
C ASN A 290 -18.89 7.66 10.91
N LYS A 291 -19.70 8.70 10.99
CA LYS A 291 -20.35 9.06 12.24
C LYS A 291 -21.84 8.70 12.23
N GLY A 292 -22.31 8.21 11.10
CA GLY A 292 -23.71 7.84 10.99
C GLY A 292 -23.98 6.46 11.55
N MET B 21 36.49 -3.95 -19.87
CA MET B 21 36.35 -2.64 -19.19
C MET B 21 34.91 -2.40 -18.74
N LYS B 22 34.05 -3.39 -18.96
CA LYS B 22 32.64 -3.29 -18.57
C LYS B 22 32.50 -3.56 -17.09
N THR B 23 32.15 -2.55 -16.32
CA THR B 23 31.99 -2.73 -14.88
C THR B 23 31.03 -1.71 -14.27
N MET B 24 29.99 -2.23 -13.63
CA MET B 24 28.97 -1.42 -12.96
C MET B 24 28.42 -2.18 -11.77
N ILE B 25 28.26 -1.51 -10.65
CA ILE B 25 27.75 -2.15 -9.44
C ILE B 25 26.55 -1.39 -8.88
N TYR B 26 25.41 -1.51 -9.55
CA TYR B 26 24.20 -0.83 -9.11
C TYR B 26 22.95 -1.66 -9.37
N PRO B 27 22.51 -2.43 -8.35
CA PRO B 27 21.32 -3.28 -8.46
C PRO B 27 20.07 -2.44 -8.68
N HIS B 28 20.04 -1.26 -8.07
CA HIS B 28 18.91 -0.36 -8.18
C HIS B 28 18.67 0.04 -9.64
N GLN B 29 19.74 0.34 -10.36
CA GLN B 29 19.63 0.74 -11.76
C GLN B 29 19.00 -0.37 -12.60
N TYR B 30 19.42 -1.60 -12.36
CA TYR B 30 18.89 -2.74 -13.09
C TYR B 30 17.41 -2.94 -12.77
N ASN B 31 17.08 -2.78 -11.49
CA ASN B 31 15.69 -2.92 -11.04
C ASN B 31 14.84 -1.82 -11.65
N TYR B 32 15.40 -0.62 -11.70
CA TYR B 32 14.71 0.54 -12.26
C TYR B 32 14.40 0.32 -13.74
N ILE B 33 15.38 -0.24 -14.47
CA ILE B 33 15.22 -0.51 -15.89
C ILE B 33 14.01 -1.41 -16.15
N ARG B 34 13.87 -2.45 -15.35
CA ARG B 34 12.75 -3.38 -15.51
C ARG B 34 11.45 -2.78 -14.99
N SER B 35 11.55 -1.78 -14.13
CA SER B 35 10.38 -1.14 -13.57
C SER B 35 9.76 -0.11 -14.50
N VAL B 36 10.59 0.61 -15.27
CA VAL B 36 10.09 1.61 -16.19
C VAL B 36 9.33 0.96 -17.35
N ILE B 37 9.58 -0.33 -17.55
CA ILE B 37 8.91 -1.09 -18.61
C ILE B 37 7.42 -1.23 -18.30
N LEU B 38 7.03 -0.99 -17.06
CA LEU B 38 5.63 -1.10 -16.64
C LEU B 38 4.77 0.00 -17.25
N ARG B 39 5.24 1.26 -17.20
CA ARG B 39 4.49 2.40 -17.76
C ARG B 39 4.33 2.20 -19.27
N LEU B 40 5.23 1.38 -19.84
CA LEU B 40 5.21 1.11 -21.29
C LEU B 40 4.44 -0.18 -21.66
N LYS B 41 4.83 -1.29 -21.06
CA LYS B 41 4.20 -2.58 -21.33
C LYS B 41 2.70 -2.54 -21.03
N ASN B 42 2.32 -1.86 -19.96
CA ASN B 42 0.92 -1.74 -19.61
C ASN B 42 0.19 -0.89 -20.65
N VAL B 43 0.88 0.10 -21.18
CA VAL B 43 0.32 0.98 -22.19
C VAL B 43 0.07 0.21 -23.49
N TYR B 44 0.92 -0.78 -23.73
CA TYR B 44 0.81 -1.63 -24.93
C TYR B 44 -0.47 -2.47 -24.88
N LYS B 45 -1.11 -2.50 -23.71
CA LYS B 45 -2.32 -3.29 -23.53
C LYS B 45 -3.53 -2.45 -23.10
N THR B 46 -3.34 -1.59 -22.10
CA THR B 46 -4.42 -0.76 -21.56
C THR B 46 -4.72 0.47 -22.42
N VAL B 47 -3.70 1.09 -22.99
CA VAL B 47 -3.90 2.29 -23.80
C VAL B 47 -4.38 1.97 -25.21
N ASN B 48 -5.57 2.45 -25.53
CA ASN B 48 -6.19 2.23 -26.84
C ASN B 48 -5.89 3.39 -27.78
N ASP B 49 -4.66 3.90 -27.70
CA ASP B 49 -4.23 5.01 -28.55
C ASP B 49 -2.80 4.77 -28.98
N LYS B 50 -2.38 5.40 -30.06
CA LYS B 50 -1.04 5.22 -30.58
C LYS B 50 -0.11 6.36 -30.18
N GLU B 51 -0.67 7.55 -30.00
CA GLU B 51 0.12 8.71 -29.65
C GLU B 51 0.67 8.61 -28.22
N THR B 52 -0.19 8.18 -27.30
CA THR B 52 0.23 8.01 -25.91
C THR B 52 1.29 6.91 -25.83
N VAL B 53 1.14 5.90 -26.68
CA VAL B 53 2.10 4.79 -26.72
C VAL B 53 3.48 5.32 -27.09
N LYS B 54 3.53 6.17 -28.11
CA LYS B 54 4.78 6.76 -28.56
C LYS B 54 5.40 7.64 -27.48
N VAL B 55 4.55 8.34 -26.73
CA VAL B 55 5.02 9.20 -25.66
C VAL B 55 5.73 8.37 -24.58
N ILE B 56 5.10 7.28 -24.19
CA ILE B 56 5.68 6.40 -23.18
C ILE B 56 6.95 5.74 -23.71
N GLN B 57 6.96 5.44 -25.01
CA GLN B 57 8.12 4.83 -25.64
C GLN B 57 9.31 5.76 -25.50
N SER B 58 9.07 7.05 -25.74
CA SER B 58 10.11 8.07 -25.63
C SER B 58 10.66 8.13 -24.20
N GLU B 59 9.75 8.04 -23.23
CA GLU B 59 10.12 8.08 -21.83
C GLU B 59 11.01 6.90 -21.47
N THR B 60 10.52 5.69 -21.77
CA THR B 60 11.26 4.47 -21.48
C THR B 60 12.63 4.44 -22.16
N TYR B 61 12.68 4.91 -23.40
CA TYR B 61 13.92 4.95 -24.15
C TYR B 61 14.93 5.87 -23.48
N ASN B 62 14.47 7.07 -23.15
CA ASN B 62 15.32 8.06 -22.51
C ASN B 62 15.71 7.66 -21.10
N ASP B 63 14.78 7.04 -20.38
CA ASP B 63 15.02 6.60 -19.01
C ASP B 63 16.25 5.72 -18.91
N ILE B 64 16.28 4.65 -19.69
CA ILE B 64 17.42 3.73 -19.71
C ILE B 64 18.65 4.40 -20.30
N ASN B 65 18.43 5.23 -21.31
CA ASN B 65 19.52 5.93 -21.98
C ASN B 65 20.28 6.85 -21.02
N GLU B 66 19.55 7.52 -20.14
CA GLU B 66 20.16 8.42 -19.17
C GLU B 66 21.03 7.68 -18.17
N ILE B 67 20.78 6.38 -18.00
CA ILE B 67 21.54 5.57 -17.07
C ILE B 67 22.92 5.25 -17.66
N PHE B 68 22.92 4.71 -18.88
CA PHE B 68 24.16 4.36 -19.55
C PHE B 68 24.76 5.57 -20.26
N GLY B 69 25.76 6.17 -19.63
CA GLY B 69 26.41 7.33 -20.21
C GLY B 69 27.02 7.02 -21.56
N HIS B 70 27.53 5.80 -21.71
CA HIS B 70 28.13 5.37 -22.95
C HIS B 70 27.45 4.09 -23.44
N ILE B 71 26.40 4.26 -24.24
CA ILE B 71 25.67 3.13 -24.78
C ILE B 71 26.46 2.44 -25.89
N ASP B 72 26.41 1.12 -25.90
CA ASP B 72 27.13 0.34 -26.90
C ASP B 72 26.19 -0.06 -28.04
N ASP B 73 26.76 -0.69 -29.07
CA ASP B 73 26.00 -1.12 -30.25
C ASP B 73 24.87 -2.05 -29.86
N ASP B 74 25.15 -2.98 -28.96
CA ASP B 74 24.14 -3.94 -28.52
C ASP B 74 23.06 -3.28 -27.69
N ILE B 75 23.46 -2.38 -26.79
CA ILE B 75 22.49 -1.65 -25.98
C ILE B 75 21.54 -0.89 -26.88
N GLU B 76 22.11 -0.21 -27.89
CA GLU B 76 21.33 0.55 -28.85
C GLU B 76 20.39 -0.37 -29.62
N GLU B 77 20.92 -1.54 -30.00
CA GLU B 77 20.13 -2.52 -30.74
C GLU B 77 18.98 -3.04 -29.87
N SER B 78 19.26 -3.25 -28.59
CA SER B 78 18.25 -3.73 -27.65
C SER B 78 17.17 -2.67 -27.46
N LEU B 79 17.59 -1.40 -27.43
CA LEU B 79 16.67 -0.28 -27.28
C LEU B 79 15.75 -0.21 -28.49
N LYS B 80 16.31 -0.55 -29.65
CA LYS B 80 15.57 -0.53 -30.90
C LYS B 80 14.44 -1.57 -30.86
N VAL B 81 14.71 -2.70 -30.20
CA VAL B 81 13.72 -3.76 -30.08
C VAL B 81 12.58 -3.32 -29.17
N LEU B 82 12.92 -2.56 -28.14
CA LEU B 82 11.94 -2.05 -27.19
C LEU B 82 10.98 -1.07 -27.86
N MET B 83 11.46 -0.46 -28.94
CA MET B 83 10.66 0.49 -29.71
C MET B 83 9.60 -0.22 -30.55
N ASN B 84 9.76 -1.53 -30.71
CA ASN B 84 8.82 -2.32 -31.49
C ASN B 84 7.53 -2.53 -30.69
N ILE B 85 6.40 -2.32 -31.34
CA ILE B 85 5.09 -2.49 -30.70
C ILE B 85 4.82 -3.94 -30.36
N ARG B 86 5.47 -4.85 -31.07
CA ARG B 86 5.29 -6.28 -30.83
C ARG B 86 6.39 -6.82 -29.90
N LEU B 87 6.56 -6.15 -28.77
CA LEU B 87 7.55 -6.53 -27.78
C LEU B 87 7.06 -7.72 -26.96
N SER B 88 7.39 -8.93 -27.40
CA SER B 88 6.97 -10.12 -26.69
C SER B 88 7.77 -10.30 -25.42
N ASN B 89 7.28 -11.17 -24.53
CA ASN B 89 7.94 -11.43 -23.26
C ASN B 89 9.28 -12.11 -23.48
N LYS B 90 9.40 -12.88 -24.56
CA LYS B 90 10.64 -13.57 -24.88
C LYS B 90 11.71 -12.58 -25.32
N GLU B 91 11.28 -11.56 -26.05
CA GLU B 91 12.20 -10.53 -26.50
C GLU B 91 12.74 -9.78 -25.30
N ILE B 92 11.86 -9.54 -24.32
CA ILE B 92 12.25 -8.85 -23.10
C ILE B 92 13.24 -9.70 -22.32
N GLU B 93 12.96 -11.00 -22.25
CA GLU B 93 13.83 -11.94 -21.53
C GLU B 93 15.25 -11.88 -22.06
N ALA B 94 15.37 -11.87 -23.38
CA ALA B 94 16.68 -11.81 -24.02
C ALA B 94 17.38 -10.49 -23.67
N ILE B 95 16.64 -9.40 -23.73
CA ILE B 95 17.17 -8.08 -23.42
C ILE B 95 17.60 -7.98 -21.96
N LEU B 96 16.75 -8.44 -21.05
CA LEU B 96 17.04 -8.40 -19.63
C LEU B 96 18.28 -9.24 -19.31
N ASN B 97 18.36 -10.41 -19.92
CA ASN B 97 19.50 -11.31 -19.73
C ASN B 97 20.78 -10.65 -20.21
N LYS B 98 20.64 -9.77 -21.20
CA LYS B 98 21.78 -9.05 -21.74
C LYS B 98 22.21 -7.91 -20.83
N PHE B 99 21.23 -7.33 -20.13
CA PHE B 99 21.50 -6.22 -19.22
C PHE B 99 22.16 -6.70 -17.95
N LEU B 100 21.91 -7.96 -17.60
CA LEU B 100 22.49 -8.56 -16.40
C LEU B 100 24.03 -8.57 -16.47
N GLU B 101 24.55 -8.46 -17.67
CA GLU B 101 26.00 -8.45 -17.90
C GLU B 101 26.63 -7.19 -17.29
N TYR B 102 25.84 -6.14 -17.17
CA TYR B 102 26.33 -4.88 -16.64
C TYR B 102 26.08 -4.73 -15.14
N VAL B 103 25.55 -5.77 -14.51
CA VAL B 103 25.27 -5.73 -13.08
C VAL B 103 25.69 -7.01 -12.37
N VAL B 104 25.33 -7.11 -11.10
CA VAL B 104 25.65 -8.26 -10.28
C VAL B 104 24.47 -8.61 -9.37
N PRO B 105 24.27 -9.89 -9.05
CA PRO B 105 23.17 -10.34 -8.19
C PRO B 105 23.49 -10.17 -6.70
N PHE B 106 22.56 -10.59 -5.85
CA PHE B 106 22.74 -10.49 -4.40
C PHE B 106 23.48 -11.71 -3.86
N GLU B 107 23.82 -11.67 -2.57
CA GLU B 107 24.55 -12.76 -1.94
C GLU B 107 23.83 -13.20 -0.66
N LEU B 108 23.77 -14.51 -0.44
CA LEU B 108 23.14 -15.06 0.75
C LEU B 108 24.19 -15.30 1.83
N PRO B 109 24.08 -14.56 2.95
CA PRO B 109 25.02 -14.67 4.06
C PRO B 109 25.03 -16.05 4.70
N SER B 110 26.21 -16.50 5.07
CA SER B 110 26.39 -17.79 5.71
C SER B 110 25.90 -17.74 7.15
N PRO B 111 25.60 -18.91 7.76
CA PRO B 111 25.12 -18.98 9.15
C PRO B 111 25.98 -18.16 10.12
N GLN B 112 27.29 -18.25 9.96
CA GLN B 112 28.23 -17.53 10.81
C GLN B 112 28.05 -16.01 10.67
N LYS B 113 27.81 -15.54 9.45
CA LYS B 113 27.62 -14.12 9.21
C LYS B 113 26.26 -13.66 9.73
N LEU B 114 25.26 -14.52 9.59
CA LEU B 114 23.91 -14.21 10.05
C LEU B 114 23.87 -14.13 11.57
N GLN B 115 24.49 -15.11 12.23
CA GLN B 115 24.53 -15.15 13.68
C GLN B 115 25.40 -14.03 14.23
N LYS B 116 26.25 -13.49 13.36
CA LYS B 116 27.13 -12.38 13.72
C LYS B 116 26.30 -11.11 13.90
N VAL B 117 25.20 -11.03 13.15
CA VAL B 117 24.30 -9.88 13.23
C VAL B 117 23.22 -10.15 14.24
N PHE B 118 22.54 -11.28 14.09
CA PHE B 118 21.46 -11.66 14.99
C PHE B 118 22.02 -12.49 16.14
N LYS B 119 22.86 -11.85 16.96
CA LYS B 119 23.49 -12.51 18.10
C LYS B 119 22.47 -12.83 19.20
N LYS B 120 21.34 -12.15 19.17
CA LYS B 120 20.30 -12.37 20.16
C LYS B 120 19.19 -13.27 19.63
N VAL B 121 19.39 -13.77 18.42
CA VAL B 121 18.40 -14.65 17.81
C VAL B 121 19.01 -16.02 17.55
N LYS B 122 18.68 -16.96 18.42
CA LYS B 122 19.17 -18.32 18.31
C LYS B 122 18.23 -19.15 17.45
N LYS B 123 18.78 -20.13 16.75
CA LYS B 123 18.01 -21.02 15.88
C LYS B 123 17.44 -20.29 14.67
N ILE B 124 18.10 -19.20 14.26
CA ILE B 124 17.65 -18.43 13.11
C ILE B 124 18.22 -19.03 11.82
N LYS B 125 17.41 -19.02 10.76
CA LYS B 125 17.81 -19.57 9.48
C LYS B 125 17.11 -18.86 8.33
N ILE B 126 17.86 -18.56 7.27
CA ILE B 126 17.32 -17.89 6.10
C ILE B 126 16.72 -18.93 5.17
N PRO B 127 15.49 -18.70 4.68
CA PRO B 127 14.83 -19.63 3.76
C PRO B 127 15.54 -19.67 2.41
N GLN B 128 15.50 -20.83 1.77
CA GLN B 128 16.15 -20.99 0.47
C GLN B 128 15.36 -20.28 -0.63
N PHE B 129 15.89 -19.15 -1.08
CA PHE B 129 15.26 -18.36 -2.13
C PHE B 129 15.61 -18.90 -3.50
N GLU B 130 15.11 -18.24 -4.54
CA GLU B 130 15.38 -18.64 -5.91
C GLU B 130 16.51 -17.82 -6.49
N GLU B 131 17.24 -18.40 -7.43
CA GLU B 131 18.36 -17.72 -8.08
C GLU B 131 17.88 -16.45 -8.77
N TYR B 132 16.76 -16.57 -9.49
CA TYR B 132 16.18 -15.43 -10.21
C TYR B 132 15.81 -14.31 -9.25
N ASP B 133 15.21 -14.67 -8.13
CA ASP B 133 14.79 -13.68 -7.14
C ASP B 133 15.99 -12.97 -6.54
N LEU B 134 17.08 -13.69 -6.36
CA LEU B 134 18.30 -13.12 -5.80
C LEU B 134 19.01 -12.19 -6.79
N LYS B 135 18.50 -12.13 -8.01
CA LYS B 135 19.08 -11.27 -9.03
C LYS B 135 18.26 -10.00 -9.19
N VAL B 136 17.13 -9.93 -8.49
CA VAL B 136 16.25 -8.77 -8.55
C VAL B 136 15.88 -8.27 -7.15
N SER B 137 16.60 -8.75 -6.14
CA SER B 137 16.33 -8.35 -4.77
C SER B 137 17.55 -7.68 -4.14
N SER B 138 17.33 -6.55 -3.49
CA SER B 138 18.41 -5.81 -2.84
C SER B 138 18.38 -6.03 -1.32
N PHE B 139 17.31 -6.67 -0.84
CA PHE B 139 17.17 -6.95 0.59
C PHE B 139 16.30 -8.18 0.80
N VAL B 140 16.71 -9.05 1.71
CA VAL B 140 15.97 -10.28 2.00
C VAL B 140 15.24 -10.15 3.33
N GLY B 141 13.93 -10.19 3.29
CA GLY B 141 13.15 -10.08 4.50
C GLY B 141 12.05 -11.12 4.58
N TRP B 142 12.29 -12.16 5.37
CA TRP B 142 11.31 -13.22 5.53
C TRP B 142 10.50 -13.04 6.80
N ASN B 143 9.28 -13.54 6.81
CA ASN B 143 8.41 -13.40 7.96
C ASN B 143 8.27 -14.73 8.70
N GLU B 144 8.34 -14.67 10.01
CA GLU B 144 8.21 -15.85 10.85
C GLU B 144 6.89 -15.78 11.61
N LEU B 145 6.00 -16.71 11.31
CA LEU B 145 4.68 -16.73 11.94
C LEU B 145 4.68 -17.53 13.25
N ALA B 146 5.79 -17.48 13.96
CA ALA B 146 5.90 -18.18 15.23
C ALA B 146 5.62 -17.20 16.35
N SER B 147 6.25 -16.04 16.27
CA SER B 147 6.09 -14.98 17.24
C SER B 147 5.62 -13.72 16.53
N ASN B 148 5.38 -13.85 15.23
CA ASN B 148 4.92 -12.74 14.37
C ASN B 148 5.98 -11.67 14.20
N ARG B 149 7.09 -12.05 13.55
CA ARG B 149 8.18 -11.11 13.33
C ARG B 149 8.80 -11.30 11.95
N LYS B 150 9.29 -10.22 11.37
CA LYS B 150 9.94 -10.28 10.06
C LYS B 150 11.41 -9.93 10.20
N TYR B 151 12.26 -10.77 9.62
CA TYR B 151 13.71 -10.56 9.68
C TYR B 151 14.20 -10.04 8.33
N ILE B 152 14.75 -8.84 8.32
CA ILE B 152 15.24 -8.25 7.09
C ILE B 152 16.76 -8.08 7.12
N ILE B 153 17.43 -8.67 6.14
CA ILE B 153 18.88 -8.59 6.03
C ILE B 153 19.27 -7.98 4.69
N TYR B 154 20.29 -7.13 4.69
CA TYR B 154 20.75 -6.48 3.48
C TYR B 154 22.20 -6.06 3.60
N TYR B 155 22.65 -5.29 2.61
CA TYR B 155 24.01 -4.78 2.59
C TYR B 155 23.98 -3.28 2.42
N ASP B 156 24.70 -2.57 3.28
CA ASP B 156 24.73 -1.11 3.21
C ASP B 156 25.82 -0.67 2.23
N GLU B 157 25.95 0.65 2.04
CA GLU B 157 26.91 1.22 1.11
C GLU B 157 28.36 0.83 1.42
N LYS B 158 28.64 0.45 2.66
CA LYS B 158 29.99 0.06 3.06
C LYS B 158 30.24 -1.41 2.76
N LYS B 159 29.28 -2.06 2.10
CA LYS B 159 29.39 -3.48 1.75
C LYS B 159 29.38 -4.35 3.01
N GLN B 160 28.63 -3.91 4.01
CA GLN B 160 28.53 -4.63 5.27
C GLN B 160 27.12 -5.20 5.41
N LEU B 161 27.03 -6.40 5.95
CA LEU B 161 25.74 -7.05 6.14
C LEU B 161 25.06 -6.45 7.37
N LYS B 162 23.83 -5.97 7.19
CA LYS B 162 23.07 -5.39 8.28
C LYS B 162 21.70 -6.03 8.31
N GLY B 163 21.27 -6.47 9.48
CA GLY B 163 19.98 -7.12 9.60
C GLY B 163 19.23 -6.67 10.83
N LEU B 164 17.91 -6.63 10.71
CA LEU B 164 17.04 -6.23 11.82
C LEU B 164 15.75 -7.02 11.79
N TYR B 165 15.00 -6.99 12.89
CA TYR B 165 13.75 -7.72 12.98
C TYR B 165 12.69 -6.87 13.65
N GLY B 166 11.44 -7.08 13.26
CA GLY B 166 10.34 -6.34 13.85
C GLY B 166 9.06 -7.13 13.84
N GLU B 167 8.15 -6.79 14.74
CA GLU B 167 6.86 -7.47 14.84
C GLU B 167 5.97 -7.18 13.64
N ILE B 168 5.10 -8.11 13.31
CA ILE B 168 4.19 -7.97 12.19
C ILE B 168 2.76 -8.31 12.60
N SER B 169 1.80 -7.52 12.12
CA SER B 169 0.39 -7.74 12.44
C SER B 169 -0.14 -9.01 11.76
N ASN B 170 -1.01 -9.73 12.46
CA ASN B 170 -1.61 -10.97 11.94
C ASN B 170 -2.77 -10.63 11.00
N GLN B 171 -2.53 -9.71 10.08
CA GLN B 171 -3.53 -9.27 9.12
C GLN B 171 -2.85 -8.69 7.89
N VAL B 172 -3.44 -8.91 6.72
CA VAL B 172 -2.87 -8.43 5.46
C VAL B 172 -3.85 -7.48 4.75
N VAL B 173 -3.61 -6.19 4.88
CA VAL B 173 -4.46 -5.19 4.24
C VAL B 173 -3.73 -4.53 3.06
N LYS B 174 -4.36 -3.50 2.49
CA LYS B 174 -3.79 -2.78 1.36
C LYS B 174 -3.41 -1.37 1.78
N GLY B 175 -2.19 -0.98 1.50
CA GLY B 175 -1.74 0.35 1.87
C GLY B 175 -0.52 0.79 1.08
N PHE B 176 0.09 1.89 1.49
CA PHE B 176 1.27 2.42 0.82
C PHE B 176 2.49 2.25 1.70
N CYS B 177 3.30 1.27 1.36
CA CYS B 177 4.50 0.98 2.12
C CYS B 177 5.54 2.08 1.93
N THR B 178 6.26 2.40 3.00
CA THR B 178 7.29 3.42 2.97
C THR B 178 8.48 3.01 2.08
N ILE B 179 8.70 1.71 1.96
CA ILE B 179 9.82 1.18 1.17
C ILE B 179 9.68 1.48 -0.32
N CYS B 180 8.91 0.65 -1.03
CA CYS B 180 8.73 0.83 -2.46
C CYS B 180 7.74 1.94 -2.78
N ASN B 181 6.95 2.31 -1.76
CA ASN B 181 5.93 3.34 -1.90
C ASN B 181 5.03 3.08 -3.10
N LYS B 182 4.41 1.90 -3.08
CA LYS B 182 3.52 1.45 -4.13
C LYS B 182 2.25 0.89 -3.51
N GLU B 183 1.40 0.27 -4.31
CA GLU B 183 0.16 -0.28 -3.80
C GLU B 183 0.13 -1.80 -3.96
N SER B 184 0.10 -2.49 -2.83
CA SER B 184 0.07 -3.94 -2.79
C SER B 184 -0.34 -4.42 -1.40
N ASN B 185 -0.39 -5.73 -1.19
CA ASN B 185 -0.75 -6.30 0.10
C ASN B 185 0.35 -6.00 1.11
N VAL B 186 0.02 -5.18 2.10
CA VAL B 186 0.99 -4.78 3.11
C VAL B 186 0.62 -5.26 4.51
N SER B 187 1.47 -4.90 5.44
CA SER B 187 1.31 -5.23 6.86
C SER B 187 2.11 -4.22 7.68
N LEU B 188 2.35 -4.51 8.95
CA LEU B 188 3.09 -3.57 9.78
C LEU B 188 4.43 -4.14 10.23
N PHE B 189 5.44 -3.27 10.24
CA PHE B 189 6.76 -3.63 10.72
C PHE B 189 7.08 -2.75 11.92
N MET B 190 6.86 -3.28 13.11
CA MET B 190 7.09 -2.54 14.32
C MET B 190 8.50 -2.77 14.84
N LYS B 191 9.23 -1.67 15.02
CA LYS B 191 10.58 -1.75 15.53
C LYS B 191 10.77 -0.75 16.67
N LYS B 192 11.48 -1.17 17.70
CA LYS B 192 11.74 -0.30 18.84
C LYS B 192 13.17 0.21 18.75
N SER B 193 13.44 1.37 19.33
CA SER B 193 14.79 1.92 19.29
C SER B 193 15.70 1.23 20.29
N LYS B 194 16.97 1.59 20.29
CA LYS B 194 17.93 0.98 21.21
C LYS B 194 17.65 1.43 22.64
N THR B 195 17.28 0.47 23.48
CA THR B 195 17.00 0.74 24.88
C THR B 195 18.17 1.43 25.57
N ASN B 196 17.91 2.57 26.19
CA ASN B 196 18.95 3.31 26.88
C ASN B 196 19.31 2.69 28.23
N SER B 197 20.19 3.37 28.97
CA SER B 197 20.65 2.91 30.27
C SER B 197 19.51 2.78 31.28
N ASP B 198 18.50 3.63 31.14
CA ASP B 198 17.35 3.61 32.04
C ASP B 198 16.38 2.51 31.67
N GLY B 199 16.49 2.00 30.46
CA GLY B 199 15.61 0.95 30.00
C GLY B 199 14.42 1.51 29.26
N GLN B 200 14.53 2.74 28.80
CA GLN B 200 13.47 3.40 28.06
C GLN B 200 13.77 3.32 26.57
N TYR B 201 12.73 3.42 25.75
CA TYR B 201 12.89 3.33 24.32
C TYR B 201 11.72 4.00 23.60
N VAL B 202 11.80 4.06 22.28
CA VAL B 202 10.76 4.64 21.47
C VAL B 202 10.30 3.59 20.45
N LYS B 203 9.01 3.48 20.26
CA LYS B 203 8.48 2.51 19.31
C LYS B 203 8.17 3.20 18.00
N LYS B 204 8.39 2.52 16.90
CA LYS B 204 8.11 3.08 15.59
C LYS B 204 7.82 1.99 14.56
N GLY B 205 6.55 1.86 14.22
CA GLY B 205 6.15 0.89 13.24
C GLY B 205 5.70 1.55 11.97
N ASP B 206 6.00 0.92 10.84
CA ASP B 206 5.64 1.45 9.54
C ASP B 206 5.01 0.37 8.66
N TYR B 207 4.32 0.77 7.60
CA TYR B 207 3.69 -0.18 6.70
C TYR B 207 4.73 -0.82 5.77
N ILE B 208 4.72 -2.14 5.70
CA ILE B 208 5.66 -2.86 4.86
C ILE B 208 4.93 -3.93 4.07
N CYS B 209 5.39 -4.19 2.86
CA CYS B 209 4.79 -5.22 2.03
C CYS B 209 5.13 -6.58 2.62
N ARG B 210 4.11 -7.41 2.83
CA ARG B 210 4.30 -8.74 3.40
C ARG B 210 5.37 -9.52 2.64
N ASP B 211 5.14 -9.73 1.36
CA ASP B 211 6.09 -10.44 0.53
C ASP B 211 7.19 -9.49 0.06
N SER B 212 8.34 -9.57 0.70
CA SER B 212 9.47 -8.72 0.37
C SER B 212 10.00 -8.96 -1.05
N ILE B 213 9.69 -10.13 -1.62
CA ILE B 213 10.15 -10.44 -2.96
C ILE B 213 9.39 -9.57 -3.98
N HIS B 214 8.07 -9.57 -3.84
CA HIS B 214 7.19 -8.78 -4.70
C HIS B 214 7.49 -7.30 -4.50
N CYS B 215 7.91 -6.96 -3.28
CA CYS B 215 8.25 -5.59 -2.94
C CYS B 215 9.59 -5.18 -3.52
N ASN B 216 10.51 -6.13 -3.61
CA ASN B 216 11.85 -5.88 -4.16
C ASN B 216 11.75 -5.51 -5.63
N LYS B 217 10.86 -6.18 -6.35
CA LYS B 217 10.67 -5.93 -7.77
C LYS B 217 9.93 -4.61 -7.99
N GLN B 218 9.46 -4.02 -6.89
CA GLN B 218 8.74 -2.76 -6.95
C GLN B 218 9.63 -1.63 -6.42
N LEU B 219 10.88 -1.95 -6.14
CA LEU B 219 11.82 -0.97 -5.62
C LEU B 219 12.30 -0.03 -6.72
N THR B 220 11.55 1.05 -6.91
CA THR B 220 11.88 2.05 -7.90
C THR B 220 13.25 2.67 -7.62
N ASP B 221 13.53 2.87 -6.34
CA ASP B 221 14.80 3.44 -5.92
C ASP B 221 15.23 2.84 -4.59
N ILE B 222 16.52 2.54 -4.48
CA ILE B 222 17.06 1.97 -3.26
C ILE B 222 17.08 3.00 -2.15
N ASN B 223 17.11 4.27 -2.56
CA ASN B 223 17.12 5.38 -1.60
C ASN B 223 15.79 5.42 -0.85
N GLN B 224 14.75 4.90 -1.49
CA GLN B 224 13.43 4.85 -0.88
C GLN B 224 13.46 3.87 0.28
N PHE B 225 14.22 2.79 0.11
CA PHE B 225 14.38 1.78 1.13
C PHE B 225 15.30 2.31 2.23
N TYR B 226 16.36 3.00 1.82
CA TYR B 226 17.31 3.58 2.76
C TYR B 226 16.64 4.63 3.64
N ASN B 227 15.69 5.36 3.07
CA ASN B 227 14.95 6.39 3.80
C ASN B 227 14.08 5.75 4.86
N PHE B 228 13.55 4.57 4.53
CA PHE B 228 12.68 3.82 5.44
C PHE B 228 13.48 3.41 6.67
N ILE B 229 14.72 2.97 6.45
CA ILE B 229 15.60 2.54 7.55
C ILE B 229 15.92 3.75 8.44
N ASP B 230 16.05 4.91 7.82
CA ASP B 230 16.37 6.16 8.51
C ASP B 230 15.20 6.58 9.40
N LYS B 231 14.04 6.01 9.14
CA LYS B 231 12.83 6.33 9.88
C LYS B 231 12.55 5.27 10.95
N LEU B 232 13.27 4.15 10.86
CA LEU B 232 13.09 3.04 11.80
C LEU B 232 13.79 3.28 13.14
N ASP B 233 14.75 4.19 13.17
CA ASP B 233 15.47 4.48 14.40
C ASP B 233 15.76 5.96 14.52
#